data_5MMB
#
_entry.id   5MMB
#
_cell.length_a   160.490
_cell.length_b   160.490
_cell.length_c   123.830
_cell.angle_alpha   90.00
_cell.angle_beta   90.00
_cell.angle_gamma   90.00
#
_symmetry.space_group_name_H-M   'P 41 21 2'
#
loop_
_entity.id
_entity.type
_entity.pdbx_description
1 polymer 'PFV INTEGRASE'
2 polymer "DNA (5'-D(*AP*TP*TP*GP*TP*CP*AP*TP*GP*GP*AP*AP*TP*TP*TP*CP*GP*CP*A)-3')"
3 polymer "DNA (5'-D(*TP*GP*CP*GP*AP*AP*AP*TP*TP*CP*CP*AP*TP*GP*AP*CP*A)-3')"
4 non-polymer 'ZINC ION'
5 non-polymer 'MAGNESIUM ION'
6 non-polymer 'SULFATE ION'
7 non-polymer GLYCEROL
8 non-polymer 'methyl 3-[5-azanyl-6-[[2,4-bis(fluoranyl)phenyl]methylcarbamoyl]-8-oxidanyl-7-oxidanylidene-1,8-naphthyridin-3-yl]propanoate'
9 non-polymer HEXANE-1,6-DIOL
10 water water
#
loop_
_entity_poly.entity_id
_entity_poly.type
_entity_poly.pdbx_seq_one_letter_code
_entity_poly.pdbx_strand_id
1 'polypeptide(L)'
;GPGCNTKKPNLDAELDQLLQGHYIKGYPKQYTYFLEDGKVKVSRPEGVKIIPPQSDRQKIVLQAHNLAHTGREATLLKIA
NLYWWPNMRKDVVKQLGRCQQCLITNASNKASGPILRPDRPQKPFDKFFIDYIGPLPPSQGYLYVLVVVDGMTGFTWLYP
TKAPSTSATVKSLNVLTSIAIPKVIHSDQGAAFTSSTFAEWAKERGIHLEFSTPYHPQSSGKVERKNSDIKRLLTKLLVG
RPTKWYDLLPVVQLALNNTYSPVLKYTPHQLLFGIDSNTPFANQDTLDLTREEELSLLQEIRTSLYHPSTPPASSRSWSP
VVGQLVQERVARPASLRPRWHKPSTVLKVLNPRTVVILDHLGNNRTVSIDNLKPTSHQNGTTNDTATMDHLEKNE
;
A,B
2 'polydeoxyribonucleotide' (DA)(DT)(DT)(DG)(DT)(DC)(DA)(DT)(DG)(DG)(DA)(DA)(DT)(DT)(DT)(DC)(DG)(DC)(DA) C
3 'polydeoxyribonucleotide' (DT)(DG)(DC)(DG)(DA)(DA)(DA)(DT)(DT)(DC)(DC)(DA)(DT)(DG)(DA)(DC)(DA) D
#
loop_
_chem_comp.id
_chem_comp.type
_chem_comp.name
_chem_comp.formula
DA DNA linking 2'-DEOXYADENOSINE-5'-MONOPHOSPHATE 'C10 H14 N5 O6 P'
DC DNA linking 2'-DEOXYCYTIDINE-5'-MONOPHOSPHATE 'C9 H14 N3 O7 P'
DG DNA linking 2'-DEOXYGUANOSINE-5'-MONOPHOSPHATE 'C10 H14 N5 O7 P'
DT DNA linking THYMIDINE-5'-MONOPHOSPHATE 'C10 H15 N2 O8 P'
GOL non-polymer GLYCEROL 'C3 H8 O3'
HEZ non-polymer HEXANE-1,6-DIOL 'C6 H14 O2'
MG non-polymer 'MAGNESIUM ION' 'Mg 2'
OUY non-polymer 'methyl 3-[5-azanyl-6-[[2,4-bis(fluoranyl)phenyl]methylcarbamoyl]-8-oxidanyl-7-oxidanylidene-1,8-naphthyridin-3-yl]propanoate' 'C20 H18 F2 N4 O5'
SO4 non-polymer 'SULFATE ION' 'O4 S -2'
ZN non-polymer 'ZINC ION' 'Zn 2'
#
# COMPACT_ATOMS: atom_id res chain seq x y z
N ASP A 12 -2.63 -9.27 -64.66
CA ASP A 12 -2.32 -8.94 -66.04
C ASP A 12 -3.58 -8.61 -66.84
N ALA A 13 -4.70 -9.23 -66.47
CA ALA A 13 -5.95 -8.95 -67.16
C ALA A 13 -6.40 -7.52 -66.89
N GLU A 14 -6.28 -7.06 -65.66
CA GLU A 14 -6.62 -5.68 -65.33
C GLU A 14 -5.73 -4.70 -66.08
N LEU A 15 -4.41 -4.90 -66.01
CA LEU A 15 -3.45 -4.03 -66.69
C LEU A 15 -3.56 -4.14 -68.20
N ASP A 16 -4.21 -5.18 -68.72
CA ASP A 16 -4.36 -5.31 -70.17
C ASP A 16 -5.28 -4.24 -70.73
N GLN A 17 -6.46 -4.09 -70.14
CA GLN A 17 -7.41 -3.06 -70.59
C GLN A 17 -6.86 -1.66 -70.39
N LEU A 18 -5.89 -1.49 -69.49
CA LEU A 18 -5.34 -0.17 -69.23
C LEU A 18 -4.47 0.31 -70.39
N LEU A 19 -3.73 -0.61 -71.03
CA LEU A 19 -2.81 -0.23 -72.09
C LEU A 19 -3.56 0.24 -73.33
N GLN A 20 -4.71 -0.36 -73.63
CA GLN A 20 -5.46 0.01 -74.82
C GLN A 20 -6.23 1.31 -74.65
N GLY A 21 -6.51 1.73 -73.42
CA GLY A 21 -7.19 2.98 -73.17
C GLY A 21 -8.49 2.88 -72.40
N HIS A 22 -8.92 1.69 -71.99
CA HIS A 22 -10.14 1.57 -71.21
C HIS A 22 -9.91 2.06 -69.78
N TYR A 23 -11.01 2.43 -69.11
CA TYR A 23 -10.95 2.97 -67.77
C TYR A 23 -11.13 1.86 -66.74
N ILE A 24 -10.36 1.95 -65.66
CA ILE A 24 -10.45 1.03 -64.52
C ILE A 24 -10.47 1.87 -63.25
N LYS A 25 -11.44 1.59 -62.37
CA LYS A 25 -11.60 2.37 -61.15
C LYS A 25 -10.32 2.34 -60.31
N GLY A 26 -9.87 3.52 -59.88
CA GLY A 26 -8.64 3.68 -59.16
C GLY A 26 -7.51 4.26 -59.99
N TYR A 27 -7.51 3.97 -61.29
CA TYR A 27 -6.49 4.49 -62.19
C TYR A 27 -7.01 5.75 -62.85
N PRO A 28 -6.48 6.94 -62.52
CA PRO A 28 -7.00 8.17 -63.12
C PRO A 28 -6.83 8.17 -64.63
N LYS A 29 -7.85 8.71 -65.31
CA LYS A 29 -7.92 8.62 -66.77
C LYS A 29 -6.97 9.58 -67.47
N GLN A 30 -6.69 10.74 -66.87
CA GLN A 30 -5.91 11.77 -67.54
C GLN A 30 -4.41 11.44 -67.66
N TYR A 31 -3.94 10.24 -67.35
CA TYR A 31 -2.55 9.86 -67.53
C TYR A 31 -2.44 8.83 -68.64
N THR A 32 -1.28 8.84 -69.31
CA THR A 32 -1.02 7.88 -70.37
C THR A 32 -0.26 6.69 -69.81
N TYR A 33 -0.89 5.51 -69.86
CA TYR A 33 -0.27 4.26 -69.41
C TYR A 33 0.23 3.52 -70.64
N PHE A 34 1.53 3.24 -70.69
CA PHE A 34 2.14 2.60 -71.84
C PHE A 34 2.94 1.37 -71.39
N LEU A 35 3.45 0.62 -72.35
CA LEU A 35 4.27 -0.56 -72.10
C LEU A 35 5.71 -0.30 -72.56
N GLU A 36 6.67 -0.86 -71.82
CA GLU A 36 8.07 -0.60 -72.11
C GLU A 36 8.88 -1.63 -71.34
N ASP A 37 9.75 -2.34 -72.05
CA ASP A 37 10.61 -3.40 -71.48
C ASP A 37 9.78 -4.51 -70.83
N GLY A 38 8.58 -4.76 -71.35
CA GLY A 38 7.71 -5.76 -70.78
C GLY A 38 7.12 -5.38 -69.44
N LYS A 39 6.98 -4.09 -69.17
CA LYS A 39 6.44 -3.61 -67.90
C LYS A 39 5.45 -2.48 -68.17
N VAL A 40 4.31 -2.53 -67.49
CA VAL A 40 3.34 -1.45 -67.58
C VAL A 40 3.83 -0.25 -66.78
N LYS A 41 3.84 0.92 -67.40
CA LYS A 41 4.36 2.13 -66.79
C LYS A 41 3.35 3.27 -66.93
N VAL A 42 3.63 4.37 -66.23
CA VAL A 42 2.79 5.56 -66.26
C VAL A 42 3.67 6.77 -66.03
N SER A 43 3.30 7.89 -66.65
CA SER A 43 4.06 9.13 -66.57
C SER A 43 3.38 10.05 -65.55
N ARG A 44 3.80 9.92 -64.29
CA ARG A 44 3.27 10.74 -63.22
C ARG A 44 4.13 11.98 -63.02
N PRO A 45 3.60 13.02 -62.37
CA PRO A 45 4.38 14.26 -62.19
C PRO A 45 5.77 14.04 -61.61
N GLU A 46 5.91 13.14 -60.64
CA GLU A 46 7.21 12.88 -60.03
C GLU A 46 8.15 12.16 -60.97
N GLY A 47 7.63 11.51 -61.99
CA GLY A 47 8.45 10.77 -62.93
C GLY A 47 7.68 9.58 -63.47
N VAL A 48 8.42 8.70 -64.13
CA VAL A 48 7.85 7.47 -64.69
C VAL A 48 7.99 6.36 -63.68
N LYS A 49 6.88 5.69 -63.36
CA LYS A 49 6.86 4.61 -62.39
C LYS A 49 6.31 3.34 -63.04
N ILE A 50 6.70 2.22 -62.47
CA ILE A 50 6.23 0.91 -62.90
C ILE A 50 4.93 0.58 -62.17
N ILE A 51 3.95 0.07 -62.91
CA ILE A 51 2.72 -0.41 -62.29
C ILE A 51 2.77 -1.94 -62.23
N PRO A 52 3.15 -2.53 -61.10
CA PRO A 52 3.20 -3.99 -61.02
C PRO A 52 1.79 -4.55 -60.96
N PRO A 53 1.58 -5.75 -61.50
CA PRO A 53 0.26 -6.39 -61.40
C PRO A 53 -0.13 -6.59 -59.94
N GLN A 54 -1.44 -6.77 -59.73
CA GLN A 54 -1.96 -6.97 -58.38
C GLN A 54 -1.22 -8.09 -57.65
N SER A 55 -0.95 -9.19 -58.34
CA SER A 55 -0.36 -10.37 -57.71
C SER A 55 1.07 -10.15 -57.25
N ASP A 56 1.71 -9.05 -57.63
CA ASP A 56 3.09 -8.77 -57.22
C ASP A 56 3.19 -7.74 -56.11
N ARG A 57 2.10 -7.06 -55.78
CA ARG A 57 2.19 -5.89 -54.91
C ARG A 57 2.46 -6.25 -53.47
N GLN A 58 1.90 -7.35 -52.97
CA GLN A 58 2.19 -7.77 -51.60
C GLN A 58 3.68 -8.05 -51.40
N LYS A 59 4.29 -8.76 -52.34
CA LYS A 59 5.71 -9.09 -52.23
C LYS A 59 6.58 -7.84 -52.30
N ILE A 60 6.13 -6.82 -53.02
CA ILE A 60 6.92 -5.59 -53.13
C ILE A 60 6.87 -4.82 -51.82
N VAL A 61 5.67 -4.68 -51.24
CA VAL A 61 5.55 -4.01 -49.95
C VAL A 61 6.38 -4.73 -48.89
N LEU A 62 6.38 -6.07 -48.93
CA LEU A 62 7.15 -6.84 -47.96
C LEU A 62 8.64 -6.56 -48.10
N GLN A 63 9.15 -6.57 -49.33
CA GLN A 63 10.58 -6.36 -49.55
C GLN A 63 11.02 -4.97 -49.10
N ALA A 64 10.20 -3.95 -49.37
CA ALA A 64 10.56 -2.60 -48.95
C ALA A 64 10.49 -2.45 -47.44
N HIS A 65 9.46 -3.02 -46.82
CA HIS A 65 9.36 -2.95 -45.35
C HIS A 65 10.54 -3.63 -44.68
N ASN A 66 10.92 -4.81 -45.18
CA ASN A 66 11.91 -5.64 -44.48
C ASN A 66 13.33 -5.08 -44.54
N LEU A 67 13.57 -4.04 -45.34
CA LEU A 67 14.92 -3.47 -45.41
C LEU A 67 15.37 -2.98 -44.03
N ALA A 68 14.53 -2.19 -43.37
CA ALA A 68 14.83 -1.73 -42.01
C ALA A 68 13.62 -1.79 -41.10
N HIS A 69 12.57 -2.51 -41.49
CA HIS A 69 11.33 -2.60 -40.74
C HIS A 69 10.79 -1.22 -40.41
N THR A 70 10.71 -0.39 -41.44
CA THR A 70 10.25 0.98 -41.33
C THR A 70 8.73 1.05 -41.30
N GLY A 71 8.21 2.17 -40.81
CA GLY A 71 6.79 2.40 -40.67
C GLY A 71 6.12 2.81 -41.96
N ARG A 72 5.03 3.56 -41.83
CA ARG A 72 4.18 3.86 -42.98
C ARG A 72 4.90 4.70 -44.01
N GLU A 73 5.37 5.89 -43.63
CA GLU A 73 5.89 6.82 -44.61
C GLU A 73 7.28 6.43 -45.12
N ALA A 74 8.13 5.90 -44.23
CA ALA A 74 9.47 5.50 -44.67
C ALA A 74 9.42 4.28 -45.59
N THR A 75 8.42 3.41 -45.41
CA THR A 75 8.25 2.30 -46.34
C THR A 75 7.69 2.79 -47.67
N LEU A 76 6.74 3.72 -47.63
CA LEU A 76 6.15 4.20 -48.87
C LEU A 76 7.17 4.93 -49.73
N LEU A 77 8.00 5.78 -49.11
CA LEU A 77 8.98 6.54 -49.88
C LEU A 77 9.93 5.62 -50.64
N LYS A 78 10.24 4.45 -50.09
CA LYS A 78 11.05 3.48 -50.80
C LYS A 78 10.32 2.91 -52.01
N ILE A 79 9.05 2.51 -51.81
CA ILE A 79 8.28 1.95 -52.91
C ILE A 79 8.06 2.98 -54.01
N ALA A 80 7.71 4.22 -53.62
CA ALA A 80 7.42 5.27 -54.59
C ALA A 80 8.63 5.61 -55.47
N ASN A 81 9.83 5.21 -55.08
CA ASN A 81 10.99 5.43 -55.92
C ASN A 81 10.87 4.69 -57.25
N LEU A 82 10.21 3.55 -57.25
CA LEU A 82 10.13 2.71 -58.44
C LEU A 82 8.71 2.46 -58.93
N TYR A 83 7.73 2.38 -58.04
CA TYR A 83 6.42 1.88 -58.41
C TYR A 83 5.32 2.90 -58.11
N TRP A 84 4.16 2.63 -58.71
CA TRP A 84 2.93 3.35 -58.39
C TRP A 84 1.75 2.43 -58.66
N TRP A 85 0.76 2.48 -57.78
CA TRP A 85 -0.51 1.80 -58.00
C TRP A 85 -1.55 2.45 -57.08
N PRO A 86 -2.84 2.23 -57.35
CA PRO A 86 -3.88 2.89 -56.52
C PRO A 86 -3.78 2.48 -55.06
N ASN A 87 -3.80 3.49 -54.19
CA ASN A 87 -3.88 3.30 -52.74
C ASN A 87 -2.71 2.47 -52.23
N MET A 88 -1.50 2.98 -52.44
CA MET A 88 -0.30 2.27 -52.02
C MET A 88 -0.26 2.11 -50.50
N ARG A 89 -0.47 3.20 -49.78
CA ARG A 89 -0.39 3.17 -48.32
C ARG A 89 -1.37 2.18 -47.72
N LYS A 90 -2.52 1.96 -48.37
CA LYS A 90 -3.45 0.94 -47.89
C LYS A 90 -2.78 -0.43 -47.83
N ASP A 91 -2.06 -0.79 -48.89
CA ASP A 91 -1.33 -2.05 -48.91
C ASP A 91 -0.15 -2.02 -47.96
N VAL A 92 0.39 -0.83 -47.68
CA VAL A 92 1.52 -0.73 -46.76
C VAL A 92 1.06 -0.95 -45.33
N VAL A 93 -0.01 -0.27 -44.92
CA VAL A 93 -0.57 -0.46 -43.58
C VAL A 93 -1.01 -1.90 -43.39
N LYS A 94 -1.47 -2.56 -44.46
CA LYS A 94 -1.88 -3.96 -44.37
C LYS A 94 -0.71 -4.85 -43.95
N GLN A 95 0.49 -4.58 -44.47
CA GLN A 95 1.66 -5.37 -44.09
C GLN A 95 2.15 -5.03 -42.69
N LEU A 96 2.08 -3.75 -42.30
CA LEU A 96 2.56 -3.35 -40.98
C LEU A 96 1.77 -4.03 -39.88
N GLY A 97 0.47 -4.23 -40.09
CA GLY A 97 -0.36 -4.93 -39.11
C GLY A 97 -0.16 -6.41 -39.08
N ARG A 98 0.59 -6.98 -40.03
CA ARG A 98 0.89 -8.39 -40.07
C ARG A 98 2.35 -8.69 -39.73
N CYS A 99 3.18 -7.67 -39.54
CA CYS A 99 4.58 -7.87 -39.20
C CYS A 99 4.69 -8.07 -37.70
N GLN A 100 4.95 -9.30 -37.28
CA GLN A 100 4.99 -9.62 -35.85
C GLN A 100 6.16 -8.92 -35.16
N GLN A 101 7.32 -8.86 -35.83
CA GLN A 101 8.49 -8.25 -35.20
C GLN A 101 8.26 -6.76 -34.94
N CYS A 102 7.62 -6.06 -35.87
CA CYS A 102 7.36 -4.64 -35.67
C CYS A 102 6.34 -4.42 -34.56
N LEU A 103 5.30 -5.25 -34.50
CA LEU A 103 4.23 -5.05 -33.53
C LEU A 103 4.72 -5.20 -32.10
N ILE A 104 5.70 -6.08 -31.86
CA ILE A 104 6.16 -6.34 -30.50
C ILE A 104 7.39 -5.51 -30.11
N THR A 105 8.05 -4.85 -31.06
CA THR A 105 9.25 -4.10 -30.76
C THR A 105 9.03 -2.59 -30.74
N ASN A 106 8.18 -2.06 -31.62
CA ASN A 106 8.01 -0.62 -31.71
C ASN A 106 7.38 -0.07 -30.43
N ALA A 107 7.62 1.21 -30.20
CA ALA A 107 7.02 1.90 -29.07
C ALA A 107 5.63 2.40 -29.41
N SER A 108 4.84 2.66 -28.37
CA SER A 108 3.55 3.28 -28.54
C SER A 108 3.72 4.79 -28.72
N ASN A 109 2.74 5.41 -29.39
CA ASN A 109 2.70 6.86 -29.47
C ASN A 109 1.35 7.41 -29.04
N LYS A 110 0.56 6.63 -28.31
CA LYS A 110 -0.67 7.10 -27.68
C LYS A 110 -0.50 6.99 -26.17
N ALA A 111 -0.76 8.09 -25.48
CA ALA A 111 -0.64 8.11 -24.02
C ALA A 111 -1.85 7.45 -23.38
N SER A 112 -1.69 7.07 -22.11
CA SER A 112 -2.81 6.54 -21.36
C SER A 112 -3.79 7.66 -21.02
N GLY A 113 -5.03 7.26 -20.71
CA GLY A 113 -6.01 8.18 -20.22
C GLY A 113 -5.61 8.74 -18.88
N PRO A 114 -6.26 9.83 -18.46
CA PRO A 114 -5.88 10.47 -17.20
C PRO A 114 -6.11 9.57 -16.00
N ILE A 115 -5.35 9.84 -14.94
CA ILE A 115 -5.36 8.99 -13.76
C ILE A 115 -6.65 9.18 -12.97
N LEU A 116 -7.02 8.14 -12.22
CA LEU A 116 -8.13 8.21 -11.28
C LEU A 116 -7.63 8.67 -9.93
N ARG A 117 -8.47 9.40 -9.22
CA ARG A 117 -8.17 9.74 -7.82
C ARG A 117 -9.17 9.02 -6.93
N PRO A 118 -8.91 7.76 -6.57
CA PRO A 118 -9.91 6.98 -5.82
C PRO A 118 -10.26 7.63 -4.50
N ASP A 119 -11.49 7.39 -4.06
CA ASP A 119 -11.99 7.99 -2.83
C ASP A 119 -11.10 7.63 -1.64
N ARG A 120 -10.83 8.62 -0.80
CA ARG A 120 -10.13 8.34 0.44
C ARG A 120 -10.95 7.38 1.28
N PRO A 121 -10.33 6.36 1.88
CA PRO A 121 -11.08 5.49 2.79
C PRO A 121 -11.79 6.30 3.85
N GLN A 122 -13.00 5.87 4.21
CA GLN A 122 -13.86 6.72 5.03
C GLN A 122 -13.40 6.77 6.48
N LYS A 123 -12.92 5.65 7.02
CA LYS A 123 -12.53 5.54 8.41
C LYS A 123 -11.10 5.04 8.52
N PRO A 124 -10.43 5.30 9.65
CA PRO A 124 -9.17 4.61 9.92
C PRO A 124 -9.40 3.10 9.98
N PHE A 125 -8.37 2.36 9.58
CA PHE A 125 -8.34 0.90 9.54
C PHE A 125 -9.28 0.31 8.51
N ASP A 126 -9.87 1.13 7.63
CA ASP A 126 -10.62 0.58 6.52
C ASP A 126 -9.69 -0.09 5.51
N LYS A 127 -8.56 0.54 5.21
CA LYS A 127 -7.64 0.01 4.22
C LYS A 127 -6.21 0.36 4.61
N PHE A 128 -5.34 -0.64 4.65
CA PHE A 128 -3.91 -0.45 4.83
C PHE A 128 -3.21 -0.57 3.49
N PHE A 129 -2.16 0.23 3.31
CA PHE A 129 -1.24 0.10 2.18
C PHE A 129 0.12 -0.30 2.73
N ILE A 130 0.64 -1.42 2.27
CA ILE A 130 1.92 -1.93 2.76
C ILE A 130 2.87 -2.14 1.60
N ASP A 131 4.16 -2.10 1.90
CA ASP A 131 5.23 -2.18 0.91
C ASP A 131 6.55 -2.27 1.66
N TYR A 132 7.58 -2.72 0.96
CA TYR A 132 8.92 -2.82 1.52
C TYR A 132 9.82 -1.76 0.89
N ILE A 133 10.71 -1.21 1.71
CA ILE A 133 11.81 -0.37 1.25
C ILE A 133 13.10 -1.18 1.42
N GLY A 134 13.99 -1.08 0.46
CA GLY A 134 15.27 -1.74 0.57
C GLY A 134 15.69 -2.53 -0.66
N PRO A 135 16.89 -3.13 -0.62
CA PRO A 135 17.80 -3.16 0.54
C PRO A 135 18.50 -1.83 0.84
N LEU A 136 18.79 -1.60 2.12
CA LEU A 136 19.51 -0.45 2.63
C LEU A 136 20.88 -0.89 3.14
N PRO A 137 21.76 0.06 3.44
CA PRO A 137 23.00 -0.29 4.14
C PRO A 137 22.71 -1.08 5.41
N PRO A 138 23.43 -2.18 5.65
CA PRO A 138 23.15 -3.00 6.82
C PRO A 138 23.28 -2.19 8.11
N SER A 139 22.23 -2.24 8.93
CA SER A 139 22.19 -1.55 10.20
C SER A 139 21.69 -2.53 11.25
N GLN A 140 22.56 -2.87 12.20
CA GLN A 140 22.25 -3.84 13.27
C GLN A 140 21.84 -5.19 12.69
N GLY A 141 22.31 -5.51 11.49
CA GLY A 141 21.94 -6.73 10.81
C GLY A 141 20.67 -6.65 10.00
N TYR A 142 20.03 -5.48 9.93
CA TYR A 142 18.77 -5.32 9.21
C TYR A 142 19.01 -4.63 7.88
N LEU A 143 18.15 -4.97 6.90
CA LEU A 143 18.32 -4.52 5.53
C LEU A 143 17.09 -3.89 4.89
N TYR A 144 15.89 -4.17 5.39
CA TYR A 144 14.66 -3.69 4.78
C TYR A 144 13.78 -3.04 5.84
N VAL A 145 12.76 -2.33 5.38
CA VAL A 145 11.78 -1.69 6.26
C VAL A 145 10.39 -1.99 5.72
N LEU A 146 9.54 -2.59 6.55
CA LEU A 146 8.14 -2.74 6.21
C LEU A 146 7.40 -1.45 6.54
N VAL A 147 6.75 -0.87 5.55
CA VAL A 147 6.02 0.38 5.70
C VAL A 147 4.53 0.09 5.61
N VAL A 148 3.78 0.44 6.65
CA VAL A 148 2.34 0.22 6.70
C VAL A 148 1.67 1.58 6.87
N VAL A 149 0.84 1.96 5.91
CA VAL A 149 0.22 3.28 5.87
C VAL A 149 -1.29 3.10 5.92
N ASP A 150 -1.93 3.71 6.91
CA ASP A 150 -3.38 3.75 6.96
C ASP A 150 -3.90 4.76 5.94
N GLY A 151 -4.79 4.29 5.05
CA GLY A 151 -5.17 5.09 3.91
C GLY A 151 -5.97 6.34 4.25
N MET A 152 -6.74 6.30 5.33
CA MET A 152 -7.57 7.45 5.67
C MET A 152 -6.74 8.54 6.36
N THR A 153 -5.88 8.16 7.30
CA THR A 153 -5.14 9.11 8.12
C THR A 153 -3.74 9.41 7.59
N GLY A 154 -3.13 8.48 6.87
CA GLY A 154 -1.72 8.57 6.57
C GLY A 154 -0.82 8.13 7.70
N PHE A 155 -1.39 7.77 8.85
CA PHE A 155 -0.60 7.24 9.96
C PHE A 155 0.19 6.03 9.51
N THR A 156 1.46 5.98 9.92
CA THR A 156 2.42 5.03 9.36
C THR A 156 3.14 4.27 10.47
N TRP A 157 3.35 2.97 10.23
CA TRP A 157 4.11 2.09 11.10
C TRP A 157 5.35 1.59 10.37
N LEU A 158 6.50 1.63 11.03
CA LEU A 158 7.76 1.22 10.44
C LEU A 158 8.32 0.02 11.18
N TYR A 159 8.67 -1.04 10.45
CA TYR A 159 9.22 -2.25 11.03
C TYR A 159 10.49 -2.63 10.27
N PRO A 160 11.64 -2.77 10.93
CA PRO A 160 12.84 -3.23 10.25
C PRO A 160 12.89 -4.74 10.15
N THR A 161 13.29 -5.24 8.97
CA THR A 161 13.40 -6.67 8.73
C THR A 161 14.73 -6.97 8.06
N LYS A 162 15.07 -8.27 8.02
CA LYS A 162 16.28 -8.72 7.36
C LYS A 162 16.03 -9.15 5.91
N ALA A 163 14.78 -9.40 5.54
CA ALA A 163 14.41 -9.76 4.18
C ALA A 163 12.96 -9.36 3.96
N PRO A 164 12.57 -9.03 2.70
CA PRO A 164 11.15 -8.81 2.40
C PRO A 164 10.38 -10.11 2.32
N SER A 165 10.36 -10.85 3.43
CA SER A 165 9.82 -12.20 3.49
C SER A 165 8.41 -12.20 4.02
N THR A 166 7.67 -13.26 3.68
CA THR A 166 6.34 -13.46 4.27
C THR A 166 6.45 -13.62 5.78
N SER A 167 7.45 -14.35 6.25
CA SER A 167 7.59 -14.58 7.69
C SER A 167 7.82 -13.28 8.45
N ALA A 168 8.62 -12.38 7.89
CA ALA A 168 8.86 -11.10 8.56
C ALA A 168 7.66 -10.19 8.47
N THR A 169 6.83 -10.34 7.44
CA THR A 169 5.61 -9.53 7.33
C THR A 169 4.58 -9.98 8.36
N VAL A 170 4.37 -11.29 8.48
CA VAL A 170 3.42 -11.82 9.46
C VAL A 170 3.84 -11.42 10.87
N LYS A 171 5.14 -11.54 11.18
CA LYS A 171 5.62 -11.15 12.50
C LYS A 171 5.29 -9.70 12.81
N SER A 172 5.54 -8.80 11.87
CA SER A 172 5.36 -7.38 12.11
C SER A 172 3.87 -7.02 12.19
N LEU A 173 3.05 -7.60 11.30
CA LEU A 173 1.64 -7.27 11.31
C LEU A 173 0.92 -7.87 12.52
N ASN A 174 1.44 -8.96 13.08
CA ASN A 174 0.90 -9.48 14.32
C ASN A 174 1.08 -8.47 15.45
N VAL A 175 2.23 -7.78 15.48
CA VAL A 175 2.45 -6.75 16.48
C VAL A 175 1.57 -5.54 16.22
N LEU A 176 1.47 -5.13 14.95
CA LEU A 176 0.66 -3.97 14.59
C LEU A 176 -0.81 -4.21 14.92
N THR A 177 -1.39 -5.28 14.39
CA THR A 177 -2.81 -5.55 14.60
C THR A 177 -3.15 -5.90 16.04
N SER A 178 -2.17 -5.85 16.96
CA SER A 178 -2.51 -5.84 18.38
C SER A 178 -3.36 -4.63 18.75
N ILE A 179 -3.28 -3.55 17.98
CA ILE A 179 -4.03 -2.33 18.28
C ILE A 179 -5.40 -2.33 17.60
N ALA A 180 -5.46 -2.79 16.34
CA ALA A 180 -6.71 -2.80 15.58
C ALA A 180 -6.52 -3.64 14.33
N ILE A 181 -7.60 -4.27 13.90
CA ILE A 181 -7.60 -5.10 12.69
C ILE A 181 -8.17 -4.29 11.55
N PRO A 182 -7.52 -4.23 10.39
CA PRO A 182 -8.08 -3.52 9.25
C PRO A 182 -9.06 -4.39 8.47
N LYS A 183 -9.91 -3.72 7.71
CA LYS A 183 -10.80 -4.42 6.79
C LYS A 183 -10.01 -5.00 5.62
N VAL A 184 -9.17 -4.18 5.00
CA VAL A 184 -8.47 -4.51 3.76
C VAL A 184 -7.01 -4.11 3.89
N ILE A 185 -6.13 -4.95 3.34
CA ILE A 185 -4.72 -4.61 3.19
C ILE A 185 -4.40 -4.59 1.70
N HIS A 186 -3.83 -3.49 1.23
CA HIS A 186 -3.43 -3.35 -0.16
C HIS A 186 -1.93 -3.42 -0.28
N SER A 187 -1.44 -4.29 -1.16
CA SER A 187 -0.02 -4.46 -1.40
C SER A 187 0.20 -4.60 -2.90
N ASP A 188 1.46 -4.39 -3.32
CA ASP A 188 1.81 -4.75 -4.69
C ASP A 188 1.98 -6.26 -4.78
N GLN A 189 2.37 -6.75 -5.95
CA GLN A 189 2.49 -8.19 -6.16
C GLN A 189 3.90 -8.71 -5.85
N GLY A 190 4.57 -8.15 -4.85
CA GLY A 190 5.82 -8.72 -4.40
C GLY A 190 5.63 -10.08 -3.77
N ALA A 191 6.74 -10.81 -3.64
CA ALA A 191 6.68 -12.21 -3.24
C ALA A 191 6.15 -12.37 -1.82
N ALA A 192 6.53 -11.47 -0.91
CA ALA A 192 6.12 -11.61 0.48
C ALA A 192 4.60 -11.55 0.64
N PHE A 193 3.91 -10.84 -0.26
CA PHE A 193 2.49 -10.58 -0.11
C PHE A 193 1.62 -11.52 -0.94
N THR A 194 2.19 -12.21 -1.94
CA THR A 194 1.42 -13.06 -2.82
C THR A 194 1.52 -14.54 -2.46
N SER A 195 2.30 -14.89 -1.44
CA SER A 195 2.38 -16.29 -1.02
C SER A 195 1.05 -16.73 -0.43
N SER A 196 0.84 -18.05 -0.43
CA SER A 196 -0.36 -18.59 0.20
C SER A 196 -0.31 -18.46 1.71
N THR A 197 0.89 -18.51 2.29
CA THR A 197 1.03 -18.33 3.74
C THR A 197 0.48 -16.97 4.16
N PHE A 198 0.71 -15.93 3.36
CA PHE A 198 0.16 -14.62 3.67
C PHE A 198 -1.35 -14.59 3.50
N ALA A 199 -1.88 -15.32 2.51
CA ALA A 199 -3.32 -15.38 2.33
C ALA A 199 -4.02 -16.08 3.49
N GLU A 200 -3.47 -17.22 3.94
CA GLU A 200 -4.04 -17.91 5.09
C GLU A 200 -3.98 -17.05 6.34
N TRP A 201 -2.90 -16.28 6.51
CA TRP A 201 -2.80 -15.39 7.66
C TRP A 201 -3.89 -14.32 7.64
N ALA A 202 -4.24 -13.83 6.45
CA ALA A 202 -5.25 -12.78 6.35
C ALA A 202 -6.67 -13.35 6.46
N LYS A 203 -6.91 -14.51 5.84
CA LYS A 203 -8.24 -15.12 5.92
C LYS A 203 -8.60 -15.45 7.36
N GLU A 204 -7.61 -15.88 8.16
CA GLU A 204 -7.86 -16.20 9.56
C GLU A 204 -8.36 -15.00 10.36
N ARG A 205 -8.18 -13.79 9.87
CA ARG A 205 -8.49 -12.58 10.62
C ARG A 205 -9.56 -11.72 9.97
N GLY A 206 -10.28 -12.25 8.98
CA GLY A 206 -11.27 -11.45 8.29
C GLY A 206 -10.71 -10.33 7.44
N ILE A 207 -9.40 -10.33 7.18
CA ILE A 207 -8.76 -9.30 6.38
C ILE A 207 -8.82 -9.70 4.92
N HIS A 208 -9.37 -8.82 4.09
CA HIS A 208 -9.38 -9.04 2.64
C HIS A 208 -8.10 -8.48 2.04
N LEU A 209 -7.41 -9.31 1.26
CA LEU A 209 -6.20 -8.88 0.58
C LEU A 209 -6.55 -8.32 -0.79
N GLU A 210 -5.98 -7.16 -1.11
CA GLU A 210 -6.25 -6.43 -2.33
C GLU A 210 -4.91 -6.09 -2.96
N PHE A 211 -4.72 -6.50 -4.22
CA PHE A 211 -3.42 -6.42 -4.87
C PHE A 211 -3.43 -5.40 -6.01
N SER A 212 -2.36 -4.61 -6.10
CA SER A 212 -2.15 -3.75 -7.25
C SER A 212 -2.06 -4.59 -8.52
N THR A 213 -2.36 -3.95 -9.65
CA THR A 213 -2.03 -4.54 -10.92
C THR A 213 -0.51 -4.68 -11.02
N PRO A 214 -0.01 -5.69 -11.72
CA PRO A 214 1.43 -5.97 -11.68
C PRO A 214 2.26 -4.86 -12.32
N TYR A 215 3.43 -4.63 -11.72
CA TYR A 215 4.44 -3.71 -12.26
C TYR A 215 3.83 -2.32 -12.52
N HIS A 216 3.16 -1.80 -11.50
CA HIS A 216 2.50 -0.50 -11.56
C HIS A 216 2.46 0.12 -10.17
N PRO A 217 3.61 0.63 -9.69
CA PRO A 217 3.65 1.14 -8.30
C PRO A 217 2.74 2.33 -8.04
N GLN A 218 2.24 3.01 -9.07
CA GLN A 218 1.27 4.08 -8.85
CA GLN A 218 1.26 4.08 -8.86
C GLN A 218 0.10 3.59 -8.01
N SER A 219 -0.29 2.32 -8.21
CA SER A 219 -1.47 1.79 -7.51
C SER A 219 -1.26 1.71 -6.00
N SER A 220 -0.02 1.46 -5.56
CA SER A 220 0.34 1.59 -4.15
C SER A 220 0.82 3.00 -3.81
N GLY A 221 0.35 4.00 -4.54
CA GLY A 221 0.96 5.33 -4.45
C GLY A 221 0.91 5.95 -3.07
N LYS A 222 -0.07 5.55 -2.26
CA LYS A 222 -0.19 6.13 -0.92
C LYS A 222 1.02 5.76 -0.06
N VAL A 223 1.40 4.48 -0.06
CA VAL A 223 2.55 4.08 0.74
C VAL A 223 3.86 4.40 0.03
N GLU A 224 3.89 4.29 -1.31
CA GLU A 224 5.09 4.68 -2.05
C GLU A 224 5.46 6.13 -1.76
N ARG A 225 4.46 7.01 -1.69
CA ARG A 225 4.74 8.42 -1.40
C ARG A 225 5.25 8.58 0.03
N LYS A 226 4.75 7.77 0.96
CA LYS A 226 5.26 7.83 2.32
C LYS A 226 6.70 7.32 2.37
N ASN A 227 7.02 6.32 1.55
CA ASN A 227 8.39 5.84 1.44
C ASN A 227 9.35 6.99 1.14
N SER A 228 8.93 7.92 0.28
CA SER A 228 9.78 9.07 -0.05
C SER A 228 10.07 9.93 1.18
N ASP A 229 9.00 10.31 1.90
CA ASP A 229 9.19 11.11 3.11
C ASP A 229 10.10 10.40 4.10
N ILE A 230 9.94 9.08 4.25
CA ILE A 230 10.75 8.32 5.20
C ILE A 230 12.22 8.42 4.82
N LYS A 231 12.55 8.07 3.57
CA LYS A 231 13.93 8.12 3.13
C LYS A 231 14.48 9.54 3.20
N ARG A 232 13.66 10.53 2.84
CA ARG A 232 14.12 11.92 2.84
C ARG A 232 14.51 12.36 4.26
N LEU A 233 13.71 11.97 5.26
CA LEU A 233 14.04 12.37 6.63
C LEU A 233 15.23 11.59 7.17
N LEU A 234 15.30 10.29 6.86
CA LEU A 234 16.47 9.50 7.25
C LEU A 234 17.75 10.08 6.65
N THR A 235 17.68 10.54 5.40
CA THR A 235 18.85 11.13 4.75
C THR A 235 19.34 12.35 5.52
N LYS A 236 18.43 13.28 5.83
CA LYS A 236 18.82 14.49 6.54
C LYS A 236 19.41 14.16 7.92
N LEU A 237 18.80 13.22 8.64
CA LEU A 237 19.28 12.88 9.97
C LEU A 237 20.64 12.21 9.94
N LEU A 238 21.01 11.59 8.83
CA LEU A 238 22.26 10.85 8.74
C LEU A 238 23.37 11.62 8.02
N VAL A 239 23.13 12.88 7.65
CA VAL A 239 24.16 13.69 7.01
C VAL A 239 25.38 13.77 7.92
N GLY A 240 26.55 13.47 7.35
CA GLY A 240 27.79 13.54 8.10
C GLY A 240 28.06 12.35 9.00
N ARG A 241 27.05 11.55 9.30
CA ARG A 241 27.20 10.37 10.16
C ARG A 241 27.16 9.10 9.33
N PRO A 242 27.67 7.99 9.87
CA PRO A 242 27.47 6.70 9.20
C PRO A 242 26.00 6.31 9.18
N THR A 243 25.61 5.59 8.14
CA THR A 243 24.21 5.29 7.89
C THR A 243 23.63 4.26 8.86
N LYS A 244 23.63 4.59 10.15
CA LYS A 244 23.01 3.73 11.18
C LYS A 244 21.55 4.16 11.30
N TRP A 245 20.67 3.52 10.52
CA TRP A 245 19.27 3.92 10.45
C TRP A 245 18.35 3.11 11.36
N TYR A 246 18.83 1.99 11.92
CA TYR A 246 17.95 1.14 12.73
C TYR A 246 17.40 1.92 13.93
N ASP A 247 18.26 2.61 14.67
CA ASP A 247 17.83 3.34 15.84
C ASP A 247 17.05 4.61 15.50
N LEU A 248 16.92 4.96 14.23
CA LEU A 248 16.18 6.15 13.83
C LEU A 248 14.76 5.87 13.37
N LEU A 249 14.43 4.62 13.05
CA LEU A 249 13.07 4.30 12.62
C LEU A 249 11.99 4.77 13.59
N PRO A 250 12.08 4.53 14.90
CA PRO A 250 11.04 5.09 15.78
C PRO A 250 11.00 6.61 15.77
N VAL A 251 12.16 7.26 15.69
CA VAL A 251 12.20 8.71 15.61
C VAL A 251 11.49 9.19 14.35
N VAL A 252 11.78 8.55 13.22
CA VAL A 252 11.20 8.96 11.94
C VAL A 252 9.70 8.70 11.94
N GLN A 253 9.28 7.53 12.42
CA GLN A 253 7.86 7.20 12.45
C GLN A 253 7.07 8.23 13.24
N LEU A 254 7.55 8.59 14.44
CA LEU A 254 6.86 9.57 15.27
C LEU A 254 6.87 10.94 14.63
N ALA A 255 7.99 11.34 14.02
CA ALA A 255 8.10 12.66 13.42
C ALA A 255 7.10 12.83 12.27
N LEU A 256 7.05 11.86 11.36
CA LEU A 256 6.16 11.98 10.22
C LEU A 256 4.69 11.86 10.63
N ASN A 257 4.39 11.00 11.61
CA ASN A 257 3.02 10.86 12.09
C ASN A 257 2.50 12.13 12.74
N ASN A 258 3.38 13.07 13.10
CA ASN A 258 2.97 14.34 13.69
C ASN A 258 3.33 15.53 12.80
N THR A 259 3.60 15.29 11.53
CA THR A 259 3.91 16.36 10.59
C THR A 259 2.64 16.84 9.89
N TYR A 260 2.50 18.15 9.77
CA TYR A 260 1.33 18.71 9.11
C TYR A 260 1.40 18.50 7.61
N SER A 261 0.24 18.18 7.01
CA SER A 261 0.08 18.22 5.57
C SER A 261 -0.49 19.60 5.22
N PRO A 262 0.28 20.47 4.56
CA PRO A 262 -0.21 21.84 4.31
C PRO A 262 -1.56 21.92 3.63
N VAL A 263 -1.89 20.96 2.76
CA VAL A 263 -3.17 21.03 2.07
C VAL A 263 -4.31 20.53 2.97
N LEU A 264 -4.04 19.61 3.89
CA LEU A 264 -5.09 19.10 4.76
C LEU A 264 -5.29 19.97 5.99
N LYS A 265 -4.22 20.63 6.45
CA LYS A 265 -4.17 21.38 7.71
C LYS A 265 -4.21 20.48 8.93
N TYR A 266 -3.83 19.21 8.80
CA TYR A 266 -3.84 18.28 9.92
C TYR A 266 -2.68 17.32 9.78
N THR A 267 -2.26 16.77 10.92
CA THR A 267 -1.26 15.72 10.95
C THR A 267 -1.92 14.35 10.97
N PRO A 268 -1.23 13.31 10.50
CA PRO A 268 -1.83 11.96 10.55
C PRO A 268 -2.22 11.52 11.94
N HIS A 269 -1.47 11.95 12.96
CA HIS A 269 -1.85 11.65 14.34
C HIS A 269 -3.21 12.28 14.66
N GLN A 270 -3.40 13.54 14.25
CA GLN A 270 -4.64 14.24 14.55
C GLN A 270 -5.83 13.57 13.87
N LEU A 271 -5.65 13.13 12.62
CA LEU A 271 -6.75 12.45 11.94
C LEU A 271 -7.08 11.11 12.59
N LEU A 272 -6.09 10.47 13.22
CA LEU A 272 -6.34 9.17 13.84
C LEU A 272 -6.99 9.33 15.22
N PHE A 273 -6.45 10.22 16.05
CA PHE A 273 -6.89 10.33 17.44
C PHE A 273 -7.74 11.55 17.73
N GLY A 274 -7.72 12.59 16.88
CA GLY A 274 -8.46 13.79 17.15
C GLY A 274 -7.87 14.70 18.21
N ILE A 275 -6.67 14.40 18.71
CA ILE A 275 -6.04 15.19 19.76
C ILE A 275 -4.57 14.82 19.81
N ASP A 276 -3.69 15.83 19.84
CA ASP A 276 -2.26 15.56 19.93
C ASP A 276 -1.90 14.92 21.26
N SER A 277 -0.77 14.22 21.27
CA SER A 277 -0.21 13.69 22.50
C SER A 277 0.88 14.63 23.00
N ASN A 278 1.67 14.17 23.97
CA ASN A 278 2.69 15.02 24.59
C ASN A 278 3.92 15.15 23.70
N THR A 279 3.71 15.69 22.50
CA THR A 279 4.77 15.97 21.56
C THR A 279 5.01 17.47 21.46
N PRO A 280 6.18 17.89 20.96
CA PRO A 280 6.45 19.33 20.85
C PRO A 280 5.42 20.04 20.00
N PHE A 281 5.02 21.23 20.46
CA PHE A 281 4.08 22.09 19.74
C PHE A 281 2.71 21.44 19.60
N ALA A 282 2.26 20.77 20.65
CA ALA A 282 0.96 20.12 20.62
C ALA A 282 -0.16 21.14 20.50
N ASN A 283 -1.06 20.91 19.54
CA ASN A 283 -2.21 21.78 19.36
C ASN A 283 -3.18 21.62 20.54
N GLN A 284 -3.58 22.75 21.13
CA GLN A 284 -4.40 22.76 22.34
CA GLN A 284 -4.41 22.73 22.34
C GLN A 284 -5.76 23.40 22.10
N ASP A 285 -6.26 23.35 20.87
CA ASP A 285 -7.49 24.08 20.55
C ASP A 285 -8.72 23.49 21.21
N THR A 286 -8.76 22.18 21.45
CA THR A 286 -9.95 21.52 21.96
C THR A 286 -9.85 21.21 23.45
N LEU A 287 -9.07 22.00 24.20
CA LEU A 287 -8.81 21.67 25.60
C LEU A 287 -10.08 21.76 26.44
N ASP A 288 -11.04 22.60 26.06
CA ASP A 288 -12.24 22.82 26.84
C ASP A 288 -13.40 21.92 26.43
N LEU A 289 -13.33 21.29 25.26
CA LEU A 289 -14.36 20.35 24.86
C LEU A 289 -14.22 19.04 25.63
N THR A 290 -15.34 18.35 25.81
CA THR A 290 -15.27 16.98 26.30
C THR A 290 -14.72 16.08 25.20
N ARG A 291 -14.39 14.84 25.57
CA ARG A 291 -13.92 13.89 24.56
C ARG A 291 -15.00 13.62 23.53
N GLU A 292 -16.27 13.54 23.96
CA GLU A 292 -17.35 13.31 23.02
C GLU A 292 -17.51 14.47 22.04
N GLU A 293 -17.41 15.70 22.54
CA GLU A 293 -17.45 16.86 21.64
C GLU A 293 -16.23 16.87 20.72
N GLU A 294 -15.09 16.38 21.23
CA GLU A 294 -13.88 16.29 20.40
C GLU A 294 -14.06 15.28 19.28
N LEU A 295 -14.61 14.10 19.60
CA LEU A 295 -14.84 13.08 18.58
C LEU A 295 -15.91 13.49 17.60
N SER A 296 -16.87 14.32 18.03
CA SER A 296 -17.86 14.86 17.11
C SER A 296 -17.20 15.78 16.08
N LEU A 297 -16.31 16.65 16.55
CA LEU A 297 -15.55 17.50 15.63
C LEU A 297 -14.62 16.67 14.74
N LEU A 298 -14.16 15.52 15.23
CA LEU A 298 -13.26 14.69 14.44
C LEU A 298 -13.97 14.03 13.27
N GLN A 299 -15.18 13.52 13.50
CA GLN A 299 -15.93 12.89 12.41
C GLN A 299 -16.28 13.89 11.32
N GLU A 300 -16.51 15.16 11.68
CA GLU A 300 -16.79 16.18 10.68
C GLU A 300 -15.53 16.52 9.87
N ILE A 301 -14.39 16.61 10.54
CA ILE A 301 -13.13 16.91 9.86
C ILE A 301 -12.77 15.79 8.89
N ARG A 302 -12.98 14.53 9.30
CA ARG A 302 -12.60 13.40 8.47
C ARG A 302 -13.39 13.35 7.16
N THR A 303 -14.61 13.90 7.14
CA THR A 303 -15.46 13.86 5.96
C THR A 303 -15.36 15.11 5.10
N SER A 304 -14.63 16.14 5.55
CA SER A 304 -14.50 17.39 4.81
C SER A 304 -13.09 17.59 4.27
N LEU A 305 -12.28 16.54 4.22
CA LEU A 305 -10.91 16.68 3.74
C LEU A 305 -10.89 16.92 2.24
N TYR A 306 -9.87 17.67 1.81
CA TYR A 306 -9.68 17.95 0.39
C TYR A 306 -9.49 16.66 -0.40
N HIS A 307 -10.12 16.58 -1.57
CA HIS A 307 -9.92 15.43 -2.45
C HIS A 307 -9.67 15.91 -3.87
N PRO A 308 -8.58 15.47 -4.51
CA PRO A 308 -8.26 15.93 -5.86
C PRO A 308 -9.16 15.28 -6.90
N SER A 309 -9.11 15.83 -8.11
CA SER A 309 -9.95 15.39 -9.22
C SER A 309 -9.08 14.89 -10.36
N THR A 310 -9.69 14.06 -11.21
CA THR A 310 -9.01 13.53 -12.38
C THR A 310 -8.52 14.69 -13.26
N PRO A 311 -7.26 14.66 -13.72
CA PRO A 311 -6.73 15.77 -14.51
C PRO A 311 -7.23 15.72 -15.94
N PRO A 312 -6.98 16.76 -16.74
CA PRO A 312 -7.38 16.71 -18.15
C PRO A 312 -6.61 15.66 -18.91
N ALA A 313 -7.32 14.97 -19.80
CA ALA A 313 -6.67 14.01 -20.69
C ALA A 313 -5.71 14.73 -21.63
N SER A 314 -4.68 14.01 -22.08
CA SER A 314 -3.73 14.61 -22.98
C SER A 314 -4.26 14.56 -24.42
N SER A 315 -3.55 15.26 -25.31
CA SER A 315 -4.06 15.46 -26.67
C SER A 315 -4.32 14.14 -27.37
N ARG A 316 -3.46 13.14 -27.18
CA ARG A 316 -3.51 11.89 -27.93
C ARG A 316 -3.50 10.72 -26.95
N SER A 317 -4.56 10.60 -26.17
CA SER A 317 -4.74 9.51 -25.24
C SER A 317 -5.71 8.47 -25.82
N TRP A 318 -5.56 7.23 -25.35
CA TRP A 318 -6.43 6.14 -25.76
C TRP A 318 -7.11 5.55 -24.54
N SER A 319 -8.34 5.07 -24.72
CA SER A 319 -9.04 4.38 -23.66
C SER A 319 -9.54 3.03 -24.16
N PRO A 320 -9.44 2.00 -23.33
CA PRO A 320 -9.67 0.63 -23.81
C PRO A 320 -11.13 0.31 -24.05
N VAL A 321 -11.35 -0.57 -25.02
CA VAL A 321 -12.68 -1.00 -25.44
C VAL A 321 -12.71 -2.52 -25.43
N VAL A 322 -13.85 -3.09 -25.03
CA VAL A 322 -14.00 -4.54 -24.99
C VAL A 322 -13.81 -5.11 -26.39
N GLY A 323 -12.98 -6.14 -26.49
CA GLY A 323 -12.69 -6.77 -27.76
C GLY A 323 -11.52 -6.18 -28.52
N GLN A 324 -11.00 -5.03 -28.09
CA GLN A 324 -9.88 -4.40 -28.75
C GLN A 324 -8.62 -5.24 -28.62
N LEU A 325 -7.73 -5.12 -29.61
CA LEU A 325 -6.41 -5.73 -29.56
C LEU A 325 -5.47 -4.79 -28.84
N VAL A 326 -4.86 -5.28 -27.76
CA VAL A 326 -3.88 -4.54 -26.98
C VAL A 326 -2.68 -5.45 -26.72
N GLN A 327 -1.61 -4.86 -26.21
CA GLN A 327 -0.39 -5.61 -25.94
C GLN A 327 0.16 -5.22 -24.58
N GLU A 328 0.54 -6.22 -23.79
CA GLU A 328 1.07 -6.00 -22.45
C GLU A 328 2.58 -5.77 -22.51
N ARG A 329 3.07 -4.83 -21.71
CA ARG A 329 4.49 -4.57 -21.63
C ARG A 329 5.21 -5.77 -21.02
N VAL A 330 6.37 -6.11 -21.58
CA VAL A 330 7.18 -7.20 -21.05
C VAL A 330 7.81 -6.73 -19.74
N ALA A 331 7.73 -7.58 -18.72
CA ALA A 331 8.13 -7.21 -17.36
C ALA A 331 9.61 -6.82 -17.28
N ARG A 332 10.50 -7.79 -17.46
CA ARG A 332 11.94 -7.57 -17.36
C ARG A 332 12.58 -8.05 -18.65
N PRO A 333 12.46 -7.27 -19.73
CA PRO A 333 12.91 -7.72 -21.05
C PRO A 333 14.42 -7.84 -21.11
N ALA A 334 14.89 -8.94 -21.68
CA ALA A 334 16.33 -9.16 -21.83
C ALA A 334 16.90 -8.17 -22.85
N SER A 335 18.23 -8.16 -22.94
CA SER A 335 18.89 -7.31 -23.91
C SER A 335 18.58 -7.77 -25.33
N LEU A 336 18.32 -6.80 -26.20
CA LEU A 336 18.01 -7.05 -27.61
C LEU A 336 16.77 -7.92 -27.77
N ARG A 337 15.81 -7.81 -26.84
CA ARG A 337 14.57 -8.54 -26.91
C ARG A 337 13.38 -7.58 -26.91
N PRO A 338 12.26 -7.98 -27.52
CA PRO A 338 11.11 -7.06 -27.61
C PRO A 338 10.60 -6.62 -26.25
N ARG A 339 10.08 -5.40 -26.21
CA ARG A 339 9.51 -4.84 -24.98
C ARG A 339 8.02 -5.11 -24.84
N TRP A 340 7.38 -5.73 -25.83
CA TRP A 340 5.94 -5.93 -25.81
C TRP A 340 5.61 -7.38 -26.14
N HIS A 341 4.53 -7.87 -25.51
CA HIS A 341 4.05 -9.21 -25.75
C HIS A 341 3.22 -9.27 -27.03
N LYS A 342 2.94 -10.49 -27.49
CA LYS A 342 2.02 -10.69 -28.59
C LYS A 342 0.66 -10.08 -28.26
N PRO A 343 -0.11 -9.70 -29.28
CA PRO A 343 -1.38 -9.01 -29.02
C PRO A 343 -2.35 -9.85 -28.19
N SER A 344 -3.17 -9.15 -27.41
CA SER A 344 -4.17 -9.75 -26.55
C SER A 344 -5.51 -9.07 -26.78
N THR A 345 -6.57 -9.73 -26.35
CA THR A 345 -7.92 -9.21 -26.47
C THR A 345 -8.42 -8.69 -25.12
N VAL A 346 -9.04 -7.51 -25.13
CA VAL A 346 -9.61 -6.96 -23.92
C VAL A 346 -10.91 -7.68 -23.61
N LEU A 347 -11.02 -8.23 -22.41
CA LEU A 347 -12.21 -8.97 -22.01
C LEU A 347 -13.23 -8.08 -21.30
N LYS A 348 -12.79 -7.34 -20.28
CA LYS A 348 -13.67 -6.46 -19.53
C LYS A 348 -12.92 -5.19 -19.15
N VAL A 349 -13.66 -4.09 -19.02
CA VAL A 349 -13.11 -2.81 -18.63
C VAL A 349 -13.63 -2.51 -17.23
N LEU A 350 -12.77 -2.74 -16.22
CA LEU A 350 -13.18 -2.54 -14.83
C LEU A 350 -13.30 -1.06 -14.51
N ASN A 351 -12.38 -0.24 -15.03
CA ASN A 351 -12.48 1.21 -14.98
C ASN A 351 -11.63 1.75 -16.13
N PRO A 352 -11.72 3.06 -16.44
CA PRO A 352 -10.99 3.58 -17.61
C PRO A 352 -9.49 3.37 -17.54
N ARG A 353 -8.98 2.84 -16.43
CA ARG A 353 -7.56 2.63 -16.22
C ARG A 353 -7.18 1.19 -15.94
N THR A 354 -8.15 0.28 -15.86
CA THR A 354 -7.88 -1.11 -15.52
C THR A 354 -8.71 -2.03 -16.41
N VAL A 355 -8.08 -3.08 -16.94
CA VAL A 355 -8.75 -4.03 -17.83
C VAL A 355 -8.33 -5.44 -17.50
N VAL A 356 -9.16 -6.39 -17.93
CA VAL A 356 -8.82 -7.81 -17.96
C VAL A 356 -8.54 -8.17 -19.42
N ILE A 357 -7.47 -8.94 -19.64
CA ILE A 357 -7.10 -9.34 -20.99
C ILE A 357 -6.98 -10.85 -21.05
N LEU A 358 -7.16 -11.40 -22.25
CA LEU A 358 -6.86 -12.81 -22.50
C LEU A 358 -5.36 -12.90 -22.81
N ASP A 359 -4.60 -13.42 -21.84
CA ASP A 359 -3.15 -13.26 -21.79
C ASP A 359 -2.46 -13.94 -22.98
N HIS A 360 -1.18 -13.60 -23.17
CA HIS A 360 -0.39 -14.22 -24.22
C HIS A 360 -0.18 -15.71 -23.97
N LEU A 361 -0.18 -16.12 -22.70
CA LEU A 361 -0.13 -17.54 -22.39
C LEU A 361 -1.49 -18.20 -22.53
N GLY A 362 -2.57 -17.50 -22.20
CA GLY A 362 -3.92 -18.04 -22.33
C GLY A 362 -4.77 -17.80 -21.10
N ASN A 363 -4.19 -17.16 -20.09
CA ASN A 363 -4.89 -16.94 -18.82
C ASN A 363 -5.61 -15.59 -18.82
N ASN A 364 -6.42 -15.39 -17.79
CA ASN A 364 -6.96 -14.07 -17.51
C ASN A 364 -5.96 -13.28 -16.68
N ARG A 365 -5.80 -11.99 -17.03
CA ARG A 365 -4.84 -11.15 -16.34
C ARG A 365 -5.44 -9.75 -16.18
N THR A 366 -5.37 -9.23 -14.96
CA THR A 366 -5.82 -7.88 -14.66
C THR A 366 -4.61 -6.97 -14.67
N VAL A 367 -4.60 -6.01 -15.59
CA VAL A 367 -3.42 -5.19 -15.84
C VAL A 367 -3.81 -3.72 -15.87
N SER A 368 -2.82 -2.86 -15.60
CA SER A 368 -3.00 -1.43 -15.69
C SER A 368 -2.82 -0.97 -17.14
N ILE A 369 -3.58 0.06 -17.51
CA ILE A 369 -3.52 0.60 -18.87
C ILE A 369 -2.14 1.18 -19.17
N ASP A 370 -1.40 1.58 -18.14
CA ASP A 370 -0.05 2.11 -18.34
C ASP A 370 0.92 1.04 -18.82
N ASN A 371 0.59 -0.24 -18.65
CA ASN A 371 1.40 -1.34 -19.15
C ASN A 371 0.76 -1.99 -20.38
N LEU A 372 -0.01 -1.20 -21.14
CA LEU A 372 -0.63 -1.67 -22.36
C LEU A 372 -0.41 -0.65 -23.46
N LYS A 373 -0.42 -1.13 -24.69
CA LYS A 373 -0.56 -0.27 -25.85
C LYS A 373 -1.61 -0.85 -26.77
N PRO A 374 -2.38 -0.01 -27.47
CA PRO A 374 -3.26 -0.52 -28.52
C PRO A 374 -2.44 -1.00 -29.70
N THR A 375 -2.76 -2.19 -30.18
CA THR A 375 -2.06 -2.73 -31.34
C THR A 375 -2.35 -1.88 -32.57
N SER A 376 -1.29 -1.44 -33.24
CA SER A 376 -1.45 -0.52 -34.35
C SER A 376 -1.98 -1.24 -35.60
N HIS A 377 -2.63 -0.45 -36.46
CA HIS A 377 -3.16 -0.92 -37.74
C HIS A 377 -4.23 -1.99 -37.55
N GLN A 378 -4.89 -1.96 -36.39
CA GLN A 378 -5.99 -2.86 -36.09
C GLN A 378 -5.59 -4.33 -36.17
N ASP B 119 -12.27 22.98 35.68
CA ASP B 119 -11.16 22.10 35.31
C ASP B 119 -11.38 21.57 33.89
N ARG B 120 -10.28 21.23 33.21
CA ARG B 120 -10.36 20.76 31.83
C ARG B 120 -10.84 19.31 31.78
N PRO B 121 -11.69 18.97 30.81
CA PRO B 121 -12.14 17.58 30.68
C PRO B 121 -10.98 16.63 30.44
N GLN B 122 -11.12 15.41 30.97
CA GLN B 122 -10.07 14.42 30.83
C GLN B 122 -10.00 13.91 29.39
N LYS B 123 -8.80 13.63 28.94
CA LYS B 123 -8.53 13.34 27.54
C LYS B 123 -7.57 12.17 27.43
N PRO B 124 -7.57 11.48 26.29
CA PRO B 124 -6.54 10.45 26.06
C PRO B 124 -5.16 11.08 26.14
N PHE B 125 -4.17 10.25 26.48
CA PHE B 125 -2.77 10.64 26.63
C PHE B 125 -2.54 11.58 27.80
N ASP B 126 -3.57 11.91 28.58
CA ASP B 126 -3.36 12.70 29.79
C ASP B 126 -2.56 11.93 30.83
N LYS B 127 -2.83 10.63 30.95
CA LYS B 127 -2.19 9.83 31.98
C LYS B 127 -2.15 8.37 31.56
N PHE B 128 -0.97 7.76 31.63
CA PHE B 128 -0.79 6.33 31.40
C PHE B 128 -0.51 5.66 32.73
N PHE B 129 -1.21 4.55 32.99
CA PHE B 129 -0.97 3.73 34.17
C PHE B 129 -0.21 2.49 33.75
N ILE B 130 0.96 2.27 34.36
CA ILE B 130 1.80 1.14 34.01
C ILE B 130 2.02 0.27 35.25
N ASP B 131 2.26 -1.01 35.00
CA ASP B 131 2.50 -1.98 36.06
C ASP B 131 3.00 -3.27 35.42
N TYR B 132 3.62 -4.12 36.22
CA TYR B 132 4.16 -5.39 35.76
C TYR B 132 3.32 -6.55 36.26
N ILE B 133 3.11 -7.54 35.39
CA ILE B 133 2.43 -8.78 35.73
C ILE B 133 3.45 -9.90 35.59
N GLY B 134 3.71 -10.61 36.69
CA GLY B 134 4.64 -11.73 36.66
C GLY B 134 5.30 -12.06 37.98
N PRO B 135 6.20 -13.06 37.96
CA PRO B 135 6.60 -13.82 36.77
C PRO B 135 5.60 -14.90 36.34
N LEU B 136 5.48 -15.08 35.04
CA LEU B 136 4.62 -16.07 34.41
C LEU B 136 5.44 -17.27 33.96
N PRO B 137 4.79 -18.37 33.58
CA PRO B 137 5.51 -19.48 32.96
C PRO B 137 6.25 -19.01 31.72
N PRO B 138 7.46 -19.51 31.48
CA PRO B 138 8.24 -19.03 30.33
C PRO B 138 7.54 -19.30 29.01
N SER B 139 7.42 -18.26 28.19
CA SER B 139 6.83 -18.35 26.86
C SER B 139 7.74 -17.61 25.89
N GLN B 140 8.45 -18.38 25.06
CA GLN B 140 9.41 -17.84 24.10
C GLN B 140 10.43 -16.94 24.78
N GLY B 141 10.84 -17.34 25.99
CA GLY B 141 11.87 -16.62 26.72
C GLY B 141 11.39 -15.43 27.53
N TYR B 142 10.11 -15.11 27.48
CA TYR B 142 9.56 -13.98 28.23
C TYR B 142 8.89 -14.48 29.51
N LEU B 143 8.94 -13.64 30.54
CA LEU B 143 8.41 -13.99 31.85
C LEU B 143 7.42 -12.98 32.42
N TYR B 144 7.39 -11.75 31.92
CA TYR B 144 6.56 -10.69 32.48
C TYR B 144 5.75 -10.03 31.38
N VAL B 145 4.75 -9.26 31.80
CA VAL B 145 3.96 -8.43 30.90
C VAL B 145 3.89 -7.03 31.51
N LEU B 146 4.35 -6.04 30.74
CA LEU B 146 4.20 -4.65 31.13
C LEU B 146 2.85 -4.15 30.65
N VAL B 147 1.97 -3.79 31.59
CA VAL B 147 0.62 -3.33 31.28
C VAL B 147 0.63 -1.82 31.23
N VAL B 148 0.10 -1.25 30.14
CA VAL B 148 -0.08 0.18 30.01
C VAL B 148 -1.55 0.43 29.70
N VAL B 149 -2.21 1.23 30.54
CA VAL B 149 -3.62 1.56 30.37
C VAL B 149 -3.76 3.07 30.31
N ASP B 150 -4.43 3.56 29.27
CA ASP B 150 -4.77 4.97 29.19
C ASP B 150 -5.89 5.29 30.17
N GLY B 151 -5.70 6.35 30.96
CA GLY B 151 -6.64 6.63 32.04
C GLY B 151 -8.02 7.04 31.55
N MET B 152 -8.07 7.82 30.46
CA MET B 152 -9.36 8.35 30.01
C MET B 152 -10.16 7.31 29.24
N THR B 153 -9.53 6.64 28.27
CA THR B 153 -10.23 5.70 27.40
C THR B 153 -10.28 4.29 27.94
N GLY B 154 -9.36 3.91 28.82
CA GLY B 154 -9.23 2.52 29.21
C GLY B 154 -8.50 1.65 28.21
N PHE B 155 -7.95 2.24 27.15
CA PHE B 155 -7.22 1.48 26.14
C PHE B 155 -5.97 0.87 26.73
N THR B 156 -5.67 -0.36 26.34
CA THR B 156 -4.61 -1.15 26.98
C THR B 156 -3.59 -1.62 25.96
N TRP B 157 -2.32 -1.42 26.28
CA TRP B 157 -1.19 -2.00 25.56
C TRP B 157 -0.50 -3.03 26.46
N LEU B 158 -0.10 -4.15 25.88
CA LEU B 158 0.59 -5.22 26.62
C LEU B 158 1.94 -5.49 25.97
N TYR B 159 3.01 -5.37 26.75
CA TYR B 159 4.35 -5.63 26.25
C TYR B 159 5.01 -6.76 27.03
N PRO B 160 5.47 -7.82 26.37
CA PRO B 160 6.20 -8.87 27.07
C PRO B 160 7.64 -8.49 27.30
N THR B 161 8.12 -8.75 28.52
CA THR B 161 9.50 -8.48 28.88
C THR B 161 10.11 -9.72 29.53
N LYS B 162 11.43 -9.66 29.76
CA LYS B 162 12.16 -10.75 30.38
C LYS B 162 12.48 -10.50 31.85
N ALA B 163 12.23 -9.29 32.36
CA ALA B 163 12.51 -8.96 33.75
C ALA B 163 11.79 -7.68 34.08
N PRO B 164 11.38 -7.48 35.36
CA PRO B 164 10.78 -6.22 35.78
C PRO B 164 11.83 -5.13 36.01
N SER B 165 12.68 -4.92 35.01
CA SER B 165 13.83 -4.04 35.10
C SER B 165 13.56 -2.72 34.39
N THR B 166 14.39 -1.73 34.71
CA THR B 166 14.32 -0.46 34.02
C THR B 166 14.62 -0.62 32.53
N SER B 167 15.60 -1.46 32.21
CA SER B 167 15.95 -1.70 30.81
CA SER B 167 15.95 -1.71 30.81
C SER B 167 14.75 -2.21 30.02
N ALA B 168 14.15 -3.31 30.49
CA ALA B 168 12.98 -3.86 29.80
C ALA B 168 11.85 -2.85 29.73
N THR B 169 11.67 -2.08 30.81
CA THR B 169 10.61 -1.06 30.81
C THR B 169 10.88 0.00 29.76
N VAL B 170 12.09 0.55 29.74
CA VAL B 170 12.44 1.58 28.75
C VAL B 170 12.34 1.02 27.34
N LYS B 171 12.85 -0.19 27.13
CA LYS B 171 12.79 -0.81 25.80
C LYS B 171 11.35 -0.96 25.32
N SER B 172 10.44 -1.30 26.23
CA SER B 172 9.05 -1.50 25.83
C SER B 172 8.32 -0.17 25.66
N LEU B 173 8.54 0.79 26.56
CA LEU B 173 7.89 2.08 26.43
C LEU B 173 8.43 2.88 25.25
N ASN B 174 9.67 2.63 24.85
CA ASN B 174 10.20 3.27 23.64
C ASN B 174 9.39 2.89 22.41
N VAL B 175 8.84 1.68 22.38
CA VAL B 175 7.96 1.29 21.29
C VAL B 175 6.64 2.06 21.36
N LEU B 176 6.07 2.16 22.57
CA LEU B 176 4.79 2.83 22.73
C LEU B 176 4.89 4.32 22.48
N THR B 177 5.96 4.96 22.96
CA THR B 177 6.10 6.40 22.84
C THR B 177 6.54 6.84 21.45
N SER B 178 6.81 5.92 20.53
CA SER B 178 6.93 6.25 19.12
C SER B 178 5.59 6.27 18.42
N ILE B 179 4.50 6.07 19.16
CA ILE B 179 3.14 6.19 18.66
C ILE B 179 2.40 7.35 19.34
N ALA B 180 2.48 7.42 20.67
CA ALA B 180 1.89 8.50 21.43
C ALA B 180 2.64 8.63 22.74
N ILE B 181 2.79 9.86 23.20
CA ILE B 181 3.54 10.18 24.41
C ILE B 181 2.56 10.73 25.44
N PRO B 182 2.50 10.16 26.64
CA PRO B 182 1.58 10.67 27.65
C PRO B 182 2.15 11.87 28.38
N LYS B 183 1.26 12.70 28.90
CA LYS B 183 1.70 13.81 29.74
C LYS B 183 2.23 13.31 31.07
N VAL B 184 1.60 12.28 31.63
CA VAL B 184 1.96 11.72 32.93
C VAL B 184 1.97 10.20 32.83
N ILE B 185 2.94 9.57 33.49
CA ILE B 185 2.94 8.13 33.71
C ILE B 185 2.78 7.89 35.21
N HIS B 186 1.85 7.01 35.57
CA HIS B 186 1.57 6.67 36.95
C HIS B 186 1.91 5.20 37.20
N SER B 187 2.51 4.92 38.35
CA SER B 187 2.87 3.56 38.70
C SER B 187 3.02 3.45 40.21
N ASP B 188 3.17 2.21 40.69
CA ASP B 188 3.55 2.00 42.07
C ASP B 188 5.04 2.30 42.22
N GLN B 189 5.55 2.21 43.45
CA GLN B 189 6.96 2.45 43.73
C GLN B 189 7.87 1.25 43.41
N GLY B 190 7.52 0.46 42.39
CA GLY B 190 8.40 -0.63 42.00
C GLY B 190 9.77 -0.13 41.56
N ALA B 191 10.78 -0.95 41.79
CA ALA B 191 12.17 -0.52 41.63
C ALA B 191 12.45 -0.06 40.20
N ALA B 192 11.85 -0.73 39.21
CA ALA B 192 12.10 -0.36 37.81
C ALA B 192 11.60 1.04 37.50
N PHE B 193 10.56 1.50 38.20
CA PHE B 193 9.97 2.81 37.93
C PHE B 193 10.60 3.93 38.75
N THR B 194 11.15 3.61 39.92
CA THR B 194 11.75 4.62 40.81
C THR B 194 13.24 4.79 40.58
N SER B 195 13.81 4.13 39.58
CA SER B 195 15.24 4.25 39.33
C SER B 195 15.56 5.58 38.68
N SER B 196 16.79 6.07 38.91
CA SER B 196 17.22 7.31 38.31
C SER B 196 17.36 7.20 36.79
N THR B 197 17.57 5.99 36.27
CA THR B 197 17.61 5.81 34.82
C THR B 197 16.24 6.09 34.21
N PHE B 198 15.19 5.45 34.74
CA PHE B 198 13.84 5.69 34.25
C PHE B 198 13.44 7.15 34.42
N ALA B 199 13.91 7.80 35.49
CA ALA B 199 13.64 9.22 35.68
C ALA B 199 14.27 10.06 34.57
N GLU B 200 15.50 9.75 34.18
CA GLU B 200 16.14 10.46 33.09
C GLU B 200 15.43 10.18 31.77
N TRP B 201 14.97 8.94 31.57
CA TRP B 201 14.22 8.62 30.36
C TRP B 201 12.93 9.43 30.27
N ALA B 202 12.22 9.57 31.39
CA ALA B 202 10.97 10.32 31.38
C ALA B 202 11.22 11.81 31.19
N LYS B 203 12.29 12.33 31.76
CA LYS B 203 12.58 13.76 31.63
C LYS B 203 12.93 14.11 30.19
N GLU B 204 13.65 13.24 29.49
CA GLU B 204 14.02 13.51 28.10
C GLU B 204 12.81 13.65 27.21
N ARG B 205 11.72 12.95 27.52
CA ARG B 205 10.52 12.98 26.69
C ARG B 205 9.46 13.92 27.23
N GLY B 206 9.77 14.70 28.27
CA GLY B 206 8.79 15.60 28.84
C GLY B 206 7.66 14.92 29.57
N ILE B 207 7.86 13.68 30.02
CA ILE B 207 6.86 12.93 30.75
C ILE B 207 7.05 13.16 32.23
N HIS B 208 5.97 13.54 32.93
CA HIS B 208 5.99 13.67 34.37
C HIS B 208 5.71 12.31 34.99
N LEU B 209 6.51 11.93 35.99
CA LEU B 209 6.31 10.68 36.70
C LEU B 209 5.51 10.92 37.98
N GLU B 210 4.60 10.00 38.28
CA GLU B 210 3.69 10.14 39.41
C GLU B 210 3.57 8.78 40.08
N PHE B 211 3.89 8.71 41.37
CA PHE B 211 3.93 7.46 42.10
C PHE B 211 2.82 7.41 43.14
N SER B 212 2.23 6.23 43.30
CA SER B 212 1.33 6.01 44.41
C SER B 212 2.13 5.74 45.69
N THR B 213 1.50 6.01 46.83
CA THR B 213 2.17 5.83 48.10
C THR B 213 2.55 4.37 48.30
N PRO B 214 3.70 4.08 48.89
CA PRO B 214 4.07 2.69 49.18
C PRO B 214 2.98 1.94 49.93
N TYR B 215 2.67 0.74 49.45
CA TYR B 215 1.68 -0.18 49.99
C TYR B 215 0.25 0.32 49.85
N HIS B 216 0.05 1.51 49.29
CA HIS B 216 -1.28 2.07 49.05
C HIS B 216 -1.46 2.32 47.55
N PRO B 217 -1.65 1.25 46.76
CA PRO B 217 -1.82 1.44 45.33
C PRO B 217 -3.15 2.12 45.02
N GLN B 218 -3.10 3.11 44.13
CA GLN B 218 -4.30 3.84 43.74
C GLN B 218 -4.19 4.27 42.29
N SER B 219 -5.35 4.53 41.69
CA SER B 219 -5.42 4.96 40.29
C SER B 219 -6.79 5.57 40.01
N SER B 220 -7.67 4.80 39.39
CA SER B 220 -9.06 5.19 39.21
C SER B 220 -9.90 3.92 39.16
N GLY B 221 -11.20 4.09 39.39
CA GLY B 221 -12.09 2.95 39.32
C GLY B 221 -12.03 2.24 37.97
N LYS B 222 -12.03 3.02 36.89
CA LYS B 222 -11.94 2.44 35.55
C LYS B 222 -10.64 1.66 35.37
N VAL B 223 -9.52 2.21 35.87
CA VAL B 223 -8.24 1.54 35.69
C VAL B 223 -8.13 0.33 36.61
N GLU B 224 -8.58 0.45 37.85
CA GLU B 224 -8.60 -0.69 38.76
C GLU B 224 -9.32 -1.87 38.13
N ARG B 225 -10.51 -1.62 37.58
CA ARG B 225 -11.30 -2.71 37.01
C ARG B 225 -10.64 -3.26 35.75
N LYS B 226 -10.07 -2.38 34.92
CA LYS B 226 -9.37 -2.85 33.72
C LYS B 226 -8.22 -3.78 34.08
N ASN B 227 -7.43 -3.39 35.09
CA ASN B 227 -6.33 -4.25 35.52
C ASN B 227 -6.85 -5.52 36.18
N SER B 228 -8.06 -5.49 36.75
CA SER B 228 -8.68 -6.72 37.21
C SER B 228 -9.00 -7.63 36.03
N ASP B 229 -9.63 -7.08 34.99
CA ASP B 229 -9.98 -7.88 33.82
C ASP B 229 -8.74 -8.52 33.18
N ILE B 230 -7.63 -7.79 33.16
CA ILE B 230 -6.42 -8.29 32.50
C ILE B 230 -5.86 -9.49 33.26
N LYS B 231 -5.76 -9.38 34.58
CA LYS B 231 -5.28 -10.51 35.38
C LYS B 231 -6.18 -11.73 35.21
N ARG B 232 -7.51 -11.52 35.25
CA ARG B 232 -8.44 -12.63 35.11
C ARG B 232 -8.40 -13.22 33.70
N LEU B 233 -8.40 -12.35 32.68
CA LEU B 233 -8.39 -12.86 31.31
C LEU B 233 -7.13 -13.66 31.01
N LEU B 234 -5.99 -13.22 31.54
CA LEU B 234 -4.76 -13.98 31.34
C LEU B 234 -4.82 -15.34 32.02
N THR B 235 -5.36 -15.38 33.24
CA THR B 235 -5.46 -16.66 33.96
C THR B 235 -6.30 -17.66 33.19
N LYS B 236 -7.40 -17.22 32.60
CA LYS B 236 -8.31 -18.14 31.93
C LYS B 236 -7.68 -18.79 30.70
N LEU B 237 -6.76 -18.09 30.04
CA LEU B 237 -6.08 -18.64 28.88
C LEU B 237 -4.71 -19.23 29.22
N LEU B 238 -4.18 -18.93 30.42
CA LEU B 238 -2.98 -19.60 30.89
C LEU B 238 -3.22 -21.10 31.01
N VAL B 239 -4.34 -21.50 31.64
CA VAL B 239 -4.61 -22.90 31.88
C VAL B 239 -4.69 -23.64 30.56
N GLY B 240 -4.16 -24.86 30.53
CA GLY B 240 -4.19 -25.65 29.31
C GLY B 240 -3.01 -25.40 28.39
N ARG B 241 -2.53 -24.17 28.39
CA ARG B 241 -1.40 -23.78 27.54
C ARG B 241 -0.59 -22.68 28.21
N PRO B 242 0.01 -22.94 29.38
CA PRO B 242 0.66 -21.86 30.13
C PRO B 242 1.87 -21.27 29.45
N THR B 243 2.41 -21.92 28.43
CA THR B 243 3.63 -21.46 27.76
C THR B 243 3.37 -20.95 26.35
N LYS B 244 2.11 -20.68 25.99
CA LYS B 244 1.78 -20.19 24.66
C LYS B 244 1.16 -18.80 24.70
N TRP B 245 1.35 -18.07 25.80
CA TRP B 245 0.70 -16.76 25.94
C TRP B 245 1.39 -15.65 25.15
N TYR B 246 2.63 -15.87 24.69
CA TYR B 246 3.29 -14.85 23.89
C TYR B 246 2.51 -14.55 22.62
N ASP B 247 2.03 -15.59 21.94
CA ASP B 247 1.29 -15.42 20.70
C ASP B 247 -0.14 -14.91 20.94
N LEU B 248 -0.65 -15.07 22.15
CA LEU B 248 -2.03 -14.67 22.44
C LEU B 248 -2.15 -13.22 22.87
N LEU B 249 -1.05 -12.58 23.23
CA LEU B 249 -1.11 -11.15 23.61
C LEU B 249 -1.82 -10.28 22.57
N PRO B 250 -1.64 -10.46 21.26
CA PRO B 250 -2.44 -9.65 20.32
C PRO B 250 -3.95 -9.81 20.47
N VAL B 251 -4.44 -11.05 20.56
CA VAL B 251 -5.88 -11.23 20.65
C VAL B 251 -6.39 -10.79 22.03
N VAL B 252 -5.52 -10.84 23.05
CA VAL B 252 -5.93 -10.39 24.39
C VAL B 252 -6.18 -8.89 24.37
N GLN B 253 -5.33 -8.13 23.68
CA GLN B 253 -5.50 -6.68 23.64
C GLN B 253 -6.75 -6.29 22.86
N LEU B 254 -7.02 -6.97 21.74
CA LEU B 254 -8.22 -6.69 20.98
C LEU B 254 -9.46 -6.91 21.81
N ALA B 255 -9.49 -8.00 22.59
CA ALA B 255 -10.62 -8.26 23.47
C ALA B 255 -10.77 -7.16 24.51
N LEU B 256 -9.68 -6.84 25.22
CA LEU B 256 -9.73 -5.82 26.26
C LEU B 256 -10.17 -4.47 25.70
N ASN B 257 -9.69 -4.12 24.51
CA ASN B 257 -9.94 -2.80 23.95
C ASN B 257 -11.29 -2.69 23.23
N ASN B 258 -11.92 -3.82 22.92
CA ASN B 258 -13.27 -3.81 22.36
C ASN B 258 -14.30 -4.36 23.34
N THR B 259 -13.99 -4.29 24.63
CA THR B 259 -14.92 -4.64 25.69
C THR B 259 -15.76 -3.42 26.05
N TYR B 260 -17.06 -3.63 26.19
CA TYR B 260 -18.00 -2.54 26.45
C TYR B 260 -17.90 -2.05 27.90
N SER B 261 -17.87 -0.73 28.06
CA SER B 261 -17.72 -0.12 29.37
C SER B 261 -19.08 0.32 29.89
N PRO B 262 -19.54 -0.21 31.02
CA PRO B 262 -20.88 0.17 31.52
C PRO B 262 -21.00 1.63 31.92
N VAL B 263 -19.92 2.26 32.38
CA VAL B 263 -20.00 3.64 32.86
C VAL B 263 -20.00 4.62 31.68
N LEU B 264 -19.01 4.49 30.78
CA LEU B 264 -18.90 5.40 29.65
C LEU B 264 -19.79 5.01 28.48
N LYS B 265 -20.29 3.77 28.46
CA LYS B 265 -21.17 3.28 27.39
C LYS B 265 -20.47 3.32 26.03
N TYR B 266 -19.15 3.12 26.04
CA TYR B 266 -18.35 3.06 24.82
C TYR B 266 -17.11 2.21 25.11
N THR B 267 -16.62 1.53 24.08
CA THR B 267 -15.41 0.73 24.23
C THR B 267 -14.17 1.61 24.17
N PRO B 268 -13.03 1.12 24.68
CA PRO B 268 -11.78 1.90 24.55
C PRO B 268 -11.44 2.20 23.10
N HIS B 269 -11.65 1.25 22.19
CA HIS B 269 -11.38 1.48 20.78
C HIS B 269 -12.18 2.68 20.26
N GLN B 270 -13.45 2.78 20.66
CA GLN B 270 -14.28 3.88 20.18
C GLN B 270 -13.86 5.22 20.78
N LEU B 271 -13.49 5.22 22.06
CA LEU B 271 -13.09 6.48 22.69
C LEU B 271 -11.75 6.97 22.16
N LEU B 272 -10.89 6.06 21.69
CA LEU B 272 -9.57 6.47 21.23
C LEU B 272 -9.59 6.87 19.77
N PHE B 273 -10.40 6.20 18.95
CA PHE B 273 -10.42 6.45 17.52
C PHE B 273 -11.70 7.09 17.01
N GLY B 274 -12.76 7.14 17.82
CA GLY B 274 -14.00 7.76 17.38
C GLY B 274 -14.75 6.99 16.31
N ILE B 275 -14.52 5.68 16.19
CA ILE B 275 -15.20 4.85 15.20
C ILE B 275 -15.52 3.50 15.80
N ASP B 276 -16.43 2.79 15.16
CA ASP B 276 -16.64 1.39 15.47
C ASP B 276 -15.44 0.58 15.01
N SER B 277 -15.31 -0.62 15.57
CA SER B 277 -14.18 -1.50 15.31
C SER B 277 -14.56 -2.61 14.36
N ASN B 278 -13.58 -3.06 13.58
CA ASN B 278 -13.79 -4.18 12.67
C ASN B 278 -13.78 -5.53 13.38
N THR B 279 -13.45 -5.56 14.67
CA THR B 279 -13.53 -6.76 15.50
C THR B 279 -14.36 -6.43 16.73
N PRO B 280 -15.68 -6.38 16.59
CA PRO B 280 -16.54 -6.19 17.76
C PRO B 280 -16.74 -7.50 18.49
N PHE B 281 -16.32 -7.56 19.75
CA PHE B 281 -16.43 -8.77 20.56
C PHE B 281 -17.80 -8.79 21.21
N ALA B 282 -18.80 -9.18 20.41
CA ALA B 282 -20.16 -9.22 20.91
C ALA B 282 -20.35 -10.34 21.93
N ASN B 283 -19.80 -11.53 21.64
CA ASN B 283 -19.83 -12.64 22.59
C ASN B 283 -19.02 -12.30 23.83
N GLN B 284 -19.65 -11.72 24.84
CA GLN B 284 -18.96 -11.36 26.07
C GLN B 284 -18.63 -12.63 26.86
N ASP B 285 -17.33 -12.87 27.03
CA ASP B 285 -16.86 -14.08 27.70
C ASP B 285 -17.30 -14.10 29.16
N THR B 286 -17.25 -15.30 29.76
CA THR B 286 -17.65 -15.45 31.15
C THR B 286 -16.60 -14.86 32.09
N LEU B 287 -15.33 -14.93 31.72
CA LEU B 287 -14.18 -14.46 32.49
C LEU B 287 -14.01 -15.21 33.80
N ASP B 288 -14.86 -16.20 34.10
CA ASP B 288 -14.75 -17.06 35.27
C ASP B 288 -14.25 -18.43 34.85
N LEU B 289 -13.58 -19.12 35.77
CA LEU B 289 -13.02 -20.43 35.49
C LEU B 289 -14.11 -21.48 35.60
N THR B 290 -14.23 -22.29 34.54
CA THR B 290 -15.14 -23.43 34.60
C THR B 290 -14.62 -24.46 35.60
N ARG B 291 -15.46 -25.46 35.90
CA ARG B 291 -15.08 -26.45 36.90
C ARG B 291 -13.85 -27.24 36.47
N GLU B 292 -13.75 -27.56 35.18
CA GLU B 292 -12.60 -28.32 34.68
C GLU B 292 -11.32 -27.48 34.79
N GLU B 293 -11.39 -26.22 34.38
CA GLU B 293 -10.21 -25.35 34.47
C GLU B 293 -9.83 -25.09 35.91
N GLU B 294 -10.82 -25.02 36.81
CA GLU B 294 -10.51 -24.86 38.23
C GLU B 294 -9.67 -26.02 38.74
N LEU B 295 -10.07 -27.26 38.39
CA LEU B 295 -9.32 -28.43 38.82
C LEU B 295 -7.93 -28.45 38.19
N SER B 296 -7.85 -28.21 36.87
CA SER B 296 -6.59 -28.37 36.16
C SER B 296 -5.57 -27.32 36.58
N LEU B 297 -6.03 -26.09 36.84
CA LEU B 297 -5.12 -25.05 37.30
C LEU B 297 -4.55 -25.38 38.68
N LEU B 298 -5.35 -26.05 39.52
CA LEU B 298 -4.92 -26.35 40.88
C LEU B 298 -3.74 -27.31 40.89
N GLN B 299 -3.65 -28.21 39.91
CA GLN B 299 -2.60 -29.22 39.92
C GLN B 299 -1.21 -28.61 39.84
N GLU B 300 -1.09 -27.44 39.21
CA GLU B 300 0.21 -26.79 39.04
C GLU B 300 0.60 -25.99 40.27
ZN ZN E . 8.50 -5.11 -39.49
MG MG F . 7.09 -3.26 -3.37
MG MG G . 7.59 0.58 -3.38
S SO4 H . 25.33 -0.45 12.84
O1 SO4 H . 25.86 -1.30 11.78
O2 SO4 H . 26.42 0.33 13.42
O3 SO4 H . 24.33 0.44 12.29
O4 SO4 H . 24.72 -1.30 13.87
S SO4 I . 10.31 -9.29 -4.68
O1 SO4 I . 9.26 -10.03 -5.37
O2 SO4 I . 11.45 -9.11 -5.57
O3 SO4 I . 9.80 -7.98 -4.28
O4 SO4 I . 10.74 -10.02 -3.50
S SO4 J . 18.95 -3.12 -23.39
O1 SO4 J . 18.72 -3.82 -24.64
O2 SO4 J . 20.37 -3.21 -23.05
O3 SO4 J . 18.58 -1.71 -23.54
O4 SO4 J . 18.15 -3.72 -22.34
S SO4 K . 5.03 -13.91 -26.17
O1 SO4 K . 4.26 -12.70 -26.45
O2 SO4 K . 5.69 -14.36 -27.40
O3 SO4 K . 6.05 -13.61 -25.17
O4 SO4 K . 4.15 -14.95 -25.68
S SO4 L . 13.24 -10.89 10.43
O1 SO4 L . 14.62 -10.85 10.88
O2 SO4 L . 13.18 -10.69 8.98
O3 SO4 L . 12.67 -12.20 10.75
O4 SO4 L . 12.47 -9.85 11.09
S SO4 M . 13.31 -4.53 -56.28
O1 SO4 M . 14.15 -3.34 -56.20
O2 SO4 M . 13.59 -5.23 -57.53
O3 SO4 M . 13.59 -5.41 -55.15
O4 SO4 M . 11.90 -4.14 -56.26
S SO4 N . -3.40 -11.26 15.48
O1 SO4 N . -1.95 -11.18 15.63
O2 SO4 N . -3.76 -10.88 14.11
O3 SO4 N . -3.86 -12.61 15.76
O4 SO4 N . -4.03 -10.32 16.40
S SO4 O . -3.20 16.96 -6.66
O1 SO4 O . -1.76 17.13 -6.77
O2 SO4 O . -3.82 17.03 -7.98
O3 SO4 O . -3.50 15.66 -6.06
O4 SO4 O . -3.76 18.02 -5.81
C1 GOL P . 9.18 -16.55 1.93
O1 GOL P . 8.62 -15.36 1.43
C2 GOL P . 9.34 -16.44 3.44
O2 GOL P . 8.48 -17.35 4.08
C3 GOL P . 10.78 -16.75 3.84
O3 GOL P . 10.85 -16.96 5.23
C1 GOL Q . -13.78 4.90 -7.75
O1 GOL Q . -12.91 5.50 -8.67
C2 GOL Q . -13.23 5.06 -6.34
O2 GOL Q . -13.69 6.28 -5.79
C3 GOL Q . -13.68 3.90 -5.47
O3 GOL Q . -12.85 3.82 -4.32
C1 GOL R . -13.63 2.51 -71.16
O1 GOL R . -14.22 1.23 -71.17
C2 GOL R . -13.71 3.12 -72.56
O2 GOL R . -15.01 2.97 -73.08
C3 GOL R . -13.35 4.61 -72.48
O3 GOL R . -14.28 5.37 -73.24
C1 GOL S . 14.96 -2.05 -27.89
O1 GOL S . 14.07 -3.13 -27.68
C2 GOL S . 14.18 -0.75 -27.99
O2 GOL S . 13.55 -0.47 -26.75
C3 GOL S . 15.12 0.38 -28.35
O3 GOL S . 14.39 1.50 -28.79
C1 GOL T . -18.25 5.68 18.47
O1 GOL T . -18.59 5.64 17.10
C2 GOL T . -17.73 7.07 18.82
O2 GOL T . -18.21 8.02 17.89
C3 GOL T . -18.21 7.45 20.23
O3 GOL T . -17.96 8.81 20.48
FAH OUY U . 7.31 3.85 -6.17
CAY OUY U . 7.11 4.27 -7.43
CAL OUY U . 5.99 5.01 -7.75
CAV OUY U . 5.78 5.45 -9.05
FAG OUY U . 4.69 6.18 -9.36
CAI OUY U . 6.70 5.13 -10.04
CAJ OUY U . 7.83 4.38 -9.72
CAZ OUY U . 8.03 3.95 -8.41
CAP OUY U . 9.18 3.20 -8.12
NAR OUY U . 8.86 1.93 -7.44
CAU OUY U . 9.06 0.74 -8.06
OAD OUY U . 9.49 0.64 -9.20
CBA OUY U . 8.73 -0.38 -7.31
CBB OUY U . 8.27 -0.29 -6.00
OAE OUY U . 8.15 0.81 -5.47
NBE OUY U . 7.98 -1.40 -5.31
OAF OUY U . 7.52 -1.28 -4.01
CAX OUY U . 8.87 -1.65 -7.86
NAB OUY U . 9.30 -1.77 -9.12
CBC OUY U . 8.55 -2.80 -7.15
CAM OUY U . 8.68 -4.07 -7.69
CBD OUY U . 8.10 -2.63 -5.83
NAQ OUY U . 7.78 -3.70 -5.09
CAK OUY U . 7.91 -4.99 -5.62
CAW OUY U . 8.35 -5.18 -6.92
CAO OUY U . 8.47 -6.48 -7.41
CAN OUY U . 7.19 -6.87 -8.17
CAT OUY U . 7.30 -8.31 -8.68
OAC OUY U . 8.37 -8.91 -8.64
OAS OUY U . 6.13 -8.85 -9.12
CAA OUY U . 6.34 -10.20 -9.55
O1 HEZ V . -5.69 0.70 -35.39
C1 HEZ V . -5.45 0.78 -34.01
C2 HEZ V . -6.23 1.96 -33.44
C3 HEZ V . -5.73 2.26 -32.02
C4 HEZ V . -5.94 3.74 -31.73
C5 HEZ V . -6.60 3.91 -30.36
C6 HEZ V . -6.51 5.37 -29.92
O6 HEZ V . -6.45 6.20 -31.05
O1 HEZ W . -8.81 18.35 15.40
C1 HEZ W . -7.75 18.37 16.31
C2 HEZ W . -6.46 18.84 15.62
C3 HEZ W . -6.57 20.31 15.29
C4 HEZ W . -5.28 20.80 14.63
C5 HEZ W . -5.54 22.16 13.99
C6 HEZ W . -4.30 22.62 13.22
O6 HEZ W . -4.68 23.55 12.24
MG MG X . 3.91 -3.18 40.27
S SO4 Y . -15.75 0.82 33.49
O1 SO4 Y . -16.11 1.95 32.65
O2 SO4 Y . -14.73 0.01 32.81
O3 SO4 Y . -15.21 1.31 34.76
O4 SO4 Y . -16.92 0.00 33.76
C1 GOL Z . -15.09 6.00 40.73
O1 GOL Z . -15.68 5.04 39.89
C2 GOL Z . -13.62 6.17 40.35
O2 GOL Z . -13.51 6.43 38.96
C3 GOL Z . -13.03 7.35 41.11
O3 GOL Z . -11.74 7.64 40.62
O1 HEZ AA . 1.40 -3.91 22.46
C1 HEZ AA . 1.64 -4.74 21.35
C2 HEZ AA . 2.57 -5.88 21.75
C3 HEZ AA . 2.35 -7.06 20.81
C4 HEZ AA . 3.06 -8.30 21.33
C5 HEZ AA . 3.27 -9.25 20.15
C6 HEZ AA . 3.34 -10.70 20.62
O6 HEZ AA . 3.26 -11.55 19.50
C1 GOL BA . -0.18 18.32 -3.08
O1 GOL BA . -1.24 17.50 -3.52
C2 GOL BA . -0.72 19.70 -2.77
O2 GOL BA . -2.13 19.64 -2.77
C3 GOL BA . -0.24 20.13 -1.38
O3 GOL BA . -0.33 21.53 -1.25
#